data_3CRN
#
_entry.id   3CRN
#
_cell.length_a   51.930
_cell.length_b   53.992
_cell.length_c   92.681
_cell.angle_alpha   90.00
_cell.angle_beta   90.00
_cell.angle_gamma   90.00
#
_symmetry.space_group_name_H-M   'P 21 21 21'
#
loop_
_entity.id
_entity.type
_entity.pdbx_description
1 polymer 'Response regulator receiver domain protein, CheY-like'
2 non-polymer 'SODIUM ION'
3 non-polymer GLYCEROL
4 water water
#
_entity_poly.entity_id   1
_entity_poly.type   'polypeptide(L)'
_entity_poly.pdbx_seq_one_letter_code
;(MSE)SLKRILIVDDDTAILDSTKQILEFEGYEVEIAATAGEGLAKIENEFFNLALF(PHD)IKLPD(MSE)EGTELLEK
AHKLRPG(MSE)KKI(MSE)VTGYASLENSVFSLNAGADAYI(MSE)KPVNPRDLLEKIKEKLDEQEKEGHHHHHH
;
_entity_poly.pdbx_strand_id   A,B
#
loop_
_chem_comp.id
_chem_comp.type
_chem_comp.name
_chem_comp.formula
GOL non-polymer GLYCEROL 'C3 H8 O3'
NA non-polymer 'SODIUM ION' 'Na 1'
#
# COMPACT_ATOMS: atom_id res chain seq x y z
N LEU A 3 -0.20 -10.95 22.96
CA LEU A 3 -0.76 -11.59 21.72
C LEU A 3 -1.19 -10.51 20.73
N LYS A 4 -1.14 -10.83 19.44
CA LYS A 4 -1.53 -9.87 18.40
C LYS A 4 -3.06 -9.74 18.42
N ARG A 5 -3.56 -8.53 18.19
CA ARG A 5 -5.00 -8.29 18.27
CA ARG A 5 -5.00 -8.26 18.26
C ARG A 5 -5.50 -7.73 16.94
N ILE A 6 -6.65 -8.25 16.49
CA ILE A 6 -7.16 -7.85 15.20
CA ILE A 6 -7.19 -7.95 15.16
C ILE A 6 -8.61 -7.43 15.32
N LEU A 7 -8.96 -6.35 14.62
CA LEU A 7 -10.34 -5.86 14.59
C LEU A 7 -10.88 -6.20 13.22
N ILE A 8 -12.07 -6.76 13.18
CA ILE A 8 -12.75 -7.05 11.90
C ILE A 8 -14.01 -6.17 11.81
N VAL A 9 -14.13 -5.41 10.72
CA VAL A 9 -15.26 -4.50 10.50
C VAL A 9 -16.00 -4.85 9.20
N ASP A 10 -17.24 -5.31 9.37
CA ASP A 10 -18.05 -5.76 8.23
C ASP A 10 -19.47 -5.90 8.74
N ASP A 11 -20.42 -5.39 7.97
CA ASP A 11 -21.81 -5.49 8.45
C ASP A 11 -22.39 -6.88 8.26
N ASP A 12 -21.65 -7.73 7.55
CA ASP A 12 -22.06 -9.12 7.33
C ASP A 12 -21.69 -9.97 8.52
N THR A 13 -22.65 -10.20 9.42
CA THR A 13 -22.31 -10.83 10.69
CA THR A 13 -22.35 -10.84 10.69
C THR A 13 -21.83 -12.27 10.54
N ALA A 14 -22.25 -12.93 9.47
CA ALA A 14 -21.77 -14.29 9.24
C ALA A 14 -20.28 -14.30 8.88
N ILE A 15 -19.86 -13.30 8.10
CA ILE A 15 -18.42 -13.10 7.83
C ILE A 15 -17.66 -12.79 9.13
N LEU A 16 -18.21 -11.90 9.95
CA LEU A 16 -17.57 -11.55 11.22
C LEU A 16 -17.35 -12.79 12.02
N ASP A 17 -18.42 -13.56 12.20
CA ASP A 17 -18.30 -14.72 13.07
C ASP A 17 -17.32 -15.75 12.53
N SER A 18 -17.40 -16.07 11.23
CA SER A 18 -16.53 -17.10 10.66
CA SER A 18 -16.54 -17.09 10.65
C SER A 18 -15.07 -16.69 10.71
N THR A 19 -14.80 -15.43 10.40
CA THR A 19 -13.43 -14.95 10.37
C THR A 19 -12.84 -14.88 11.79
N LYS A 20 -13.66 -14.43 12.76
CA LYS A 20 -13.22 -14.43 14.15
C LYS A 20 -12.79 -15.82 14.55
N GLN A 21 -13.63 -16.81 14.27
CA GLN A 21 -13.33 -18.22 14.60
CA GLN A 21 -13.29 -18.16 14.70
C GLN A 21 -11.98 -18.66 14.06
N ILE A 22 -11.78 -18.38 12.78
CA ILE A 22 -10.55 -18.76 12.09
C ILE A 22 -9.35 -18.05 12.72
N LEU A 23 -9.45 -16.75 12.98
CA LEU A 23 -8.31 -16.02 13.50
C LEU A 23 -7.97 -16.46 14.95
N GLU A 24 -9.00 -16.72 15.74
CA GLU A 24 -8.79 -17.16 17.12
C GLU A 24 -8.10 -18.50 17.17
N PHE A 25 -8.49 -19.39 16.27
CA PHE A 25 -7.82 -20.69 16.16
C PHE A 25 -6.32 -20.54 15.88
N GLU A 26 -5.96 -19.47 15.18
CA GLU A 26 -4.58 -19.18 14.84
CA GLU A 26 -4.56 -19.20 14.84
C GLU A 26 -3.83 -18.47 15.97
N GLY A 27 -4.57 -18.09 17.01
CA GLY A 27 -3.96 -17.51 18.22
C GLY A 27 -4.07 -16.00 18.38
N TYR A 28 -4.80 -15.37 17.47
CA TYR A 28 -5.06 -13.94 17.56
C TYR A 28 -6.16 -13.62 18.55
N GLU A 29 -6.06 -12.47 19.23
CA GLU A 29 -7.23 -11.96 19.95
C GLU A 29 -8.01 -11.17 18.95
N VAL A 30 -9.33 -11.31 18.95
CA VAL A 30 -10.14 -10.69 17.91
C VAL A 30 -11.32 -9.92 18.48
N GLU A 31 -11.56 -8.73 17.94
CA GLU A 31 -12.80 -8.00 18.22
C GLU A 31 -13.50 -7.76 16.90
N ILE A 32 -14.82 -7.62 16.94
CA ILE A 32 -15.57 -7.42 15.71
C ILE A 32 -16.47 -6.22 15.80
N ALA A 33 -16.80 -5.68 14.64
CA ALA A 33 -17.65 -4.50 14.54
C ALA A 33 -18.49 -4.59 13.27
N ALA A 34 -19.77 -4.20 13.37
CA ALA A 34 -20.72 -4.36 12.27
C ALA A 34 -21.03 -3.04 11.59
N THR A 35 -20.39 -1.96 12.03
CA THR A 35 -20.49 -0.69 11.32
C THR A 35 -19.18 0.07 11.44
N ALA A 36 -18.98 1.02 10.56
CA ALA A 36 -17.76 1.82 10.56
C ALA A 36 -17.64 2.58 11.89
N GLY A 37 -18.75 3.16 12.33
CA GLY A 37 -18.74 3.89 13.61
C GLY A 37 -18.32 3.01 14.77
N GLU A 38 -18.90 1.81 14.88
CA GLU A 38 -18.53 0.89 15.93
C GLU A 38 -17.03 0.59 15.78
N GLY A 39 -16.61 0.48 14.52
CA GLY A 39 -15.21 0.15 14.25
C GLY A 39 -14.29 1.26 14.78
N LEU A 40 -14.63 2.49 14.45
CA LEU A 40 -13.81 3.64 14.85
C LEU A 40 -13.83 3.79 16.38
N ALA A 41 -15.00 3.57 16.98
CA ALA A 41 -15.09 3.64 18.43
C ALA A 41 -14.16 2.62 19.10
N LYS A 42 -14.12 1.40 18.57
CA LYS A 42 -13.23 0.38 19.12
C LYS A 42 -11.75 0.75 18.90
N ILE A 43 -11.44 1.31 17.75
CA ILE A 43 -10.04 1.70 17.41
C ILE A 43 -9.58 2.79 18.37
N GLU A 44 -10.48 3.72 18.64
CA GLU A 44 -10.18 4.77 19.61
C GLU A 44 -9.96 4.26 21.04
N ASN A 45 -10.59 3.15 21.39
CA ASN A 45 -10.66 2.72 22.78
C ASN A 45 -9.91 1.46 23.18
N GLU A 46 -9.31 0.78 22.20
CA GLU A 46 -8.50 -0.36 22.54
C GLU A 46 -7.46 -0.56 21.44
N PHE A 47 -6.38 -1.22 21.84
CA PHE A 47 -5.24 -1.41 20.97
C PHE A 47 -5.51 -2.55 19.99
N PHE A 48 -5.19 -2.33 18.71
CA PHE A 48 -5.19 -3.40 17.72
C PHE A 48 -3.90 -3.31 16.91
N ASN A 49 -3.30 -4.46 16.61
CA ASN A 49 -2.22 -4.49 15.67
C ASN A 49 -2.68 -4.20 14.24
N LEU A 50 -3.89 -4.67 13.92
CA LEU A 50 -4.30 -4.76 12.52
C LEU A 50 -5.80 -4.79 12.47
N ALA A 51 -6.34 -4.20 11.42
CA ALA A 51 -7.79 -4.20 11.17
C ALA A 51 -8.12 -4.64 9.75
N LEU A 52 -9.23 -5.36 9.63
CA LEU A 52 -9.80 -5.76 8.34
C LEU A 52 -11.03 -4.88 8.14
N PHE A 53 -11.07 -4.18 7.01
CA PHE A 53 -12.18 -3.27 6.67
C PHE A 53 -12.95 -3.67 5.41
N PHD A 54 -14.27 -3.93 5.59
CA PHD A 54 -15.20 -4.00 4.45
C PHD A 54 -15.29 -2.63 3.82
O PHD A 54 -15.03 -1.66 4.48
CB PHD A 54 -16.57 -4.29 5.08
CG PHD A 54 -17.62 -4.48 4.00
OD1 PHD A 54 -17.33 -5.44 2.98
OD2 PHD A 54 -18.66 -3.83 4.01
P PHD A 54 -18.06 -5.45 1.51
OP1 PHD A 54 -19.53 -5.32 1.84
OP2 PHD A 54 -17.37 -4.31 0.81
OP3 PHD A 54 -17.69 -6.81 0.98
N ILE A 55 -15.72 -2.53 2.56
CA ILE A 55 -15.86 -1.21 1.94
C ILE A 55 -17.32 -0.71 1.94
N LYS A 56 -18.24 -1.58 1.56
CA LYS A 56 -19.66 -1.20 1.48
C LYS A 56 -20.34 -1.35 2.83
N LEU A 57 -19.99 -0.47 3.77
CA LEU A 57 -20.58 -0.52 5.10
C LEU A 57 -21.82 0.37 5.15
N PRO A 58 -22.70 0.16 6.12
CA PRO A 58 -24.00 0.87 6.02
C PRO A 58 -23.95 2.35 6.39
N ASP A 59 -23.00 2.73 7.24
CA ASP A 59 -23.00 4.08 7.81
C ASP A 59 -21.99 5.02 7.15
N MSE A 60 -20.97 4.45 6.51
CA MSE A 60 -20.03 5.21 5.72
C MSE A 60 -19.22 4.25 4.85
O MSE A 60 -19.19 3.05 5.12
CB MSE A 60 -19.10 6.04 6.64
CG MSE A 60 -18.05 5.23 7.38
SE MSE A 60 -16.68 6.32 8.30
CE MSE A 60 -17.80 7.01 9.77
N GLU A 61 -18.58 4.75 3.80
CA GLU A 61 -17.74 3.90 2.95
C GLU A 61 -16.49 3.44 3.70
N GLY A 62 -16.06 2.21 3.45
CA GLY A 62 -14.82 1.67 4.04
C GLY A 62 -13.56 2.50 3.78
N THR A 63 -13.56 3.22 2.65
CA THR A 63 -12.45 4.12 2.34
C THR A 63 -12.41 5.32 3.29
N GLU A 64 -13.59 5.80 3.69
CA GLU A 64 -13.63 6.90 4.65
C GLU A 64 -13.17 6.38 6.01
N LEU A 65 -13.63 5.19 6.33
CA LEU A 65 -13.23 4.53 7.55
C LEU A 65 -11.72 4.37 7.60
N LEU A 66 -11.14 4.01 6.45
CA LEU A 66 -9.68 3.83 6.35
C LEU A 66 -8.94 5.14 6.69
N GLU A 67 -9.39 6.23 6.06
CA GLU A 67 -8.80 7.56 6.31
C GLU A 67 -8.86 7.95 7.77
N LYS A 68 -10.03 7.83 8.37
CA LYS A 68 -10.22 8.16 9.79
C LYS A 68 -9.40 7.24 10.71
N ALA A 69 -9.41 5.95 10.42
CA ALA A 69 -8.66 4.99 11.22
C ALA A 69 -7.16 5.31 11.15
N HIS A 70 -6.68 5.67 9.96
CA HIS A 70 -5.26 5.98 9.79
C HIS A 70 -4.87 7.21 10.64
N LYS A 71 -5.77 8.18 10.73
CA LYS A 71 -5.51 9.35 11.58
C LYS A 71 -5.44 8.99 13.05
N LEU A 72 -6.34 8.11 13.49
CA LEU A 72 -6.35 7.67 14.88
C LEU A 72 -5.10 6.84 15.20
N ARG A 73 -4.75 5.89 14.32
CA ARG A 73 -3.71 4.91 14.62
C ARG A 73 -2.88 4.65 13.37
N PRO A 74 -1.98 5.59 13.03
CA PRO A 74 -1.22 5.46 11.81
C PRO A 74 -0.35 4.18 11.77
N GLY A 75 0.05 3.69 12.93
CA GLY A 75 0.94 2.53 13.05
C GLY A 75 0.22 1.19 12.86
N MSE A 76 -1.11 1.22 12.96
CA MSE A 76 -1.92 -0.01 12.86
C MSE A 76 -1.95 -0.45 11.41
O MSE A 76 -1.94 0.40 10.51
CB MSE A 76 -3.36 0.25 13.35
CG MSE A 76 -4.25 -0.93 13.27
SE MSE A 76 -6.03 -0.44 13.96
CE MSE A 76 -6.59 0.73 12.56
N LYS A 77 -1.91 -1.77 11.16
CA LYS A 77 -1.97 -2.22 9.77
C LYS A 77 -3.44 -2.29 9.34
N LYS A 78 -3.71 -2.06 8.04
CA LYS A 78 -5.09 -2.04 7.57
C LYS A 78 -5.22 -2.87 6.29
N ILE A 79 -6.14 -3.84 6.27
CA ILE A 79 -6.34 -4.63 5.08
C ILE A 79 -7.79 -4.47 4.66
N MSE A 80 -8.03 -4.04 3.41
CA MSE A 80 -9.42 -3.91 2.91
C MSE A 80 -9.86 -5.32 2.51
O MSE A 80 -9.07 -6.07 1.93
CB MSE A 80 -9.44 -2.98 1.69
CG MSE A 80 -8.66 -1.68 1.84
SE MSE A 80 -9.14 -0.74 3.53
CE MSE A 80 -10.96 -0.23 2.97
N VAL A 81 -11.11 -5.68 2.81
CA VAL A 81 -11.59 -7.03 2.45
C VAL A 81 -13.03 -6.83 1.95
N THR A 82 -13.23 -6.95 0.64
CA THR A 82 -14.47 -6.47 0.04
C THR A 82 -15.00 -7.32 -1.10
N GLY A 83 -16.33 -7.36 -1.22
CA GLY A 83 -16.97 -7.96 -2.38
C GLY A 83 -17.31 -6.91 -3.43
N TYR A 84 -16.93 -5.66 -3.19
CA TYR A 84 -17.26 -4.56 -4.11
C TYR A 84 -16.04 -3.76 -4.61
N ALA A 85 -14.99 -4.47 -4.99
CA ALA A 85 -13.75 -3.84 -5.44
C ALA A 85 -13.98 -3.03 -6.72
N SER A 86 -13.34 -1.87 -6.82
CA SER A 86 -13.40 -1.08 -8.04
C SER A 86 -12.06 -0.39 -8.21
N LEU A 87 -11.77 0.04 -9.44
CA LEU A 87 -10.54 0.78 -9.70
C LEU A 87 -10.48 2.00 -8.77
N GLU A 88 -11.58 2.72 -8.68
CA GLU A 88 -11.64 3.90 -7.83
C GLU A 88 -11.30 3.61 -6.36
N ASN A 89 -11.94 2.60 -5.77
CA ASN A 89 -11.72 2.36 -4.34
C ASN A 89 -10.41 1.63 -4.02
N SER A 90 -9.87 0.89 -4.99
CA SER A 90 -8.55 0.28 -4.79
C SER A 90 -7.46 1.35 -4.87
N VAL A 91 -7.52 2.21 -5.90
CA VAL A 91 -6.56 3.33 -5.99
C VAL A 91 -6.64 4.23 -4.76
N PHE A 92 -7.86 4.55 -4.35
CA PHE A 92 -8.04 5.36 -3.14
C PHE A 92 -7.40 4.67 -1.92
N SER A 93 -7.70 3.39 -1.74
CA SER A 93 -7.17 2.68 -0.58
C SER A 93 -5.64 2.64 -0.61
N LEU A 94 -5.07 2.43 -1.80
CA LEU A 94 -3.61 2.43 -1.92
C LEU A 94 -3.03 3.79 -1.47
N ASN A 95 -3.57 4.86 -2.05
CA ASN A 95 -3.06 6.19 -1.74
C ASN A 95 -3.32 6.61 -0.29
N ALA A 96 -4.36 6.06 0.31
CA ALA A 96 -4.76 6.46 1.67
C ALA A 96 -4.07 5.62 2.73
N GLY A 97 -3.24 4.66 2.30
CA GLY A 97 -2.36 3.96 3.22
C GLY A 97 -2.72 2.51 3.60
N ALA A 98 -3.69 1.91 2.91
CA ALA A 98 -4.02 0.50 3.16
C ALA A 98 -2.77 -0.36 2.96
N ASP A 99 -2.66 -1.43 3.73
CA ASP A 99 -1.48 -2.29 3.63
C ASP A 99 -1.67 -3.51 2.74
N ALA A 100 -2.93 -3.92 2.56
CA ALA A 100 -3.25 -5.01 1.65
C ALA A 100 -4.72 -4.90 1.31
N TYR A 101 -5.16 -5.70 0.34
CA TYR A 101 -6.47 -5.54 -0.21
C TYR A 101 -6.86 -6.88 -0.78
N ILE A 102 -7.97 -7.43 -0.27
CA ILE A 102 -8.39 -8.78 -0.63
C ILE A 102 -9.81 -8.76 -1.16
N MSE A 103 -10.03 -9.40 -2.32
CA MSE A 103 -11.37 -9.49 -2.90
C MSE A 103 -12.10 -10.74 -2.42
O MSE A 103 -11.52 -11.83 -2.42
CB MSE A 103 -11.27 -9.47 -4.44
CG MSE A 103 -10.83 -8.13 -4.88
SE MSE A 103 -10.61 -7.95 -6.80
CE MSE A 103 -9.03 -9.06 -7.04
N LYS A 104 -13.36 -10.58 -2.00
CA LYS A 104 -14.13 -11.74 -1.56
C LYS A 104 -14.47 -12.56 -2.82
N PRO A 105 -14.72 -13.87 -2.66
CA PRO A 105 -14.70 -14.57 -1.39
C PRO A 105 -13.27 -14.82 -0.92
N VAL A 106 -13.05 -14.64 0.39
CA VAL A 106 -11.74 -14.77 1.00
C VAL A 106 -11.27 -16.21 1.17
N ASN A 107 -10.04 -16.49 0.75
CA ASN A 107 -9.37 -17.75 1.08
C ASN A 107 -8.64 -17.56 2.40
N PRO A 108 -9.03 -18.32 3.44
CA PRO A 108 -8.41 -18.12 4.77
C PRO A 108 -6.89 -18.23 4.71
N ARG A 109 -6.34 -19.17 3.95
CA ARG A 109 -4.89 -19.29 3.92
C ARG A 109 -4.27 -17.96 3.44
N ASP A 110 -4.90 -17.36 2.43
CA ASP A 110 -4.37 -16.13 1.87
C ASP A 110 -4.48 -15.01 2.91
N LEU A 111 -5.62 -14.95 3.59
CA LEU A 111 -5.85 -13.92 4.60
C LEU A 111 -4.80 -14.08 5.71
N LEU A 112 -4.63 -15.30 6.19
CA LEU A 112 -3.67 -15.55 7.28
C LEU A 112 -2.24 -15.22 6.87
N GLU A 113 -1.88 -15.54 5.62
CA GLU A 113 -0.57 -15.17 5.12
C GLU A 113 -0.38 -13.67 5.08
N LYS A 114 -1.37 -12.94 4.54
CA LYS A 114 -1.23 -11.49 4.47
C LYS A 114 -1.16 -10.88 5.88
N ILE A 115 -1.99 -11.37 6.79
CA ILE A 115 -1.95 -10.84 8.16
C ILE A 115 -0.57 -11.06 8.79
N LYS A 116 -0.05 -12.28 8.68
CA LYS A 116 1.27 -12.56 9.25
C LYS A 116 2.33 -11.68 8.60
N GLU A 117 2.29 -11.55 7.28
N GLU A 117 2.29 -11.55 7.28
CA GLU A 117 3.24 -10.68 6.59
CA GLU A 117 3.22 -10.69 6.57
C GLU A 117 3.16 -9.26 7.11
C GLU A 117 3.15 -9.25 7.07
N LYS A 118 1.93 -8.72 7.22
CA LYS A 118 1.81 -7.34 7.65
C LYS A 118 2.27 -7.16 9.12
N LEU A 119 2.03 -8.17 9.97
CA LEU A 119 2.42 -8.08 11.39
C LEU A 119 3.95 -8.19 11.54
N ASP A 120 4.57 -9.01 10.69
CA ASP A 120 6.04 -9.08 10.66
C ASP A 120 6.61 -7.73 10.22
N GLU A 121 6.00 -7.13 9.21
CA GLU A 121 6.44 -5.81 8.76
C GLU A 121 6.29 -4.77 9.86
N GLN A 122 5.18 -4.86 10.60
CA GLN A 122 4.94 -3.94 11.69
C GLN A 122 6.04 -4.06 12.73
N GLU A 123 6.48 -5.30 12.99
CA GLU A 123 7.54 -5.49 13.99
C GLU A 123 8.84 -4.84 13.52
N LYS A 124 9.16 -5.00 12.24
CA LYS A 124 10.40 -4.43 11.71
C LYS A 124 10.36 -2.93 11.72
N GLU A 125 9.20 -2.36 11.38
CA GLU A 125 8.97 -0.93 11.47
C GLU A 125 9.18 -0.41 12.88
N GLY A 126 8.68 -1.12 13.88
CA GLY A 126 8.78 -0.66 15.26
C GLY A 126 10.23 -0.67 15.70
N HIS A 127 10.94 -1.72 15.31
CA HIS A 127 12.37 -1.80 15.59
C HIS A 127 13.10 -0.58 15.02
N HIS A 128 12.84 -0.26 13.77
CA HIS A 128 13.42 0.95 13.15
C HIS A 128 13.07 2.25 13.87
N HIS A 129 11.80 2.45 14.21
CA HIS A 129 11.40 3.69 14.86
C HIS A 129 12.18 3.88 16.14
N HIS A 130 12.58 2.77 16.72
CA HIS A 130 13.11 2.75 18.06
C HIS A 130 14.63 2.96 18.08
N HIS A 131 15.34 2.34 17.13
CA HIS A 131 16.80 2.36 17.11
C HIS A 131 17.43 3.16 15.96
N SER B 2 23.65 13.23 0.62
CA SER B 2 22.98 14.51 0.74
C SER B 2 21.71 14.56 -0.11
N LEU B 3 21.85 14.73 -1.42
CA LEU B 3 20.72 14.86 -2.32
C LEU B 3 19.80 13.64 -2.31
N LYS B 4 18.50 13.85 -2.31
CA LYS B 4 17.56 12.72 -2.45
C LYS B 4 17.69 12.17 -3.86
N ARG B 5 17.64 10.85 -4.01
CA ARG B 5 17.85 10.22 -5.31
C ARG B 5 16.58 9.50 -5.76
N ILE B 6 16.21 9.73 -7.03
CA ILE B 6 14.97 9.20 -7.56
C ILE B 6 15.25 8.43 -8.86
N LEU B 7 14.60 7.29 -9.03
CA LEU B 7 14.70 6.45 -10.24
C LEU B 7 13.41 6.59 -10.98
N ILE B 8 13.47 6.86 -12.28
CA ILE B 8 12.25 6.92 -13.07
C ILE B 8 12.30 5.79 -14.09
N VAL B 9 11.26 4.95 -14.13
CA VAL B 9 11.22 3.84 -15.07
C VAL B 9 10.01 3.94 -16.01
N ASP B 10 10.29 4.18 -17.30
CA ASP B 10 9.23 4.34 -18.31
C ASP B 10 9.87 4.19 -19.69
N ASP B 11 9.21 3.43 -20.56
CA ASP B 11 9.79 3.17 -21.87
C ASP B 11 9.60 4.36 -22.81
N ASP B 12 8.72 5.28 -22.41
CA ASP B 12 8.55 6.52 -23.17
C ASP B 12 9.66 7.51 -22.86
N THR B 13 10.65 7.59 -23.75
CA THR B 13 11.84 8.40 -23.45
C THR B 13 11.54 9.91 -23.35
N ALA B 14 10.43 10.33 -23.94
CA ALA B 14 9.95 11.70 -23.83
C ALA B 14 9.54 12.00 -22.39
N ILE B 15 8.79 11.07 -21.80
CA ILE B 15 8.39 11.18 -20.40
C ILE B 15 9.62 11.13 -19.48
N LEU B 16 10.55 10.21 -19.76
CA LEU B 16 11.80 10.17 -19.01
C LEU B 16 12.48 11.53 -19.04
N ASP B 17 12.56 12.11 -20.24
CA ASP B 17 13.31 13.36 -20.37
C ASP B 17 12.65 14.52 -19.63
N SER B 18 11.34 14.70 -19.85
CA SER B 18 10.61 15.78 -19.20
CA SER B 18 10.66 15.82 -19.20
C SER B 18 10.58 15.61 -17.68
N THR B 19 10.35 14.37 -17.25
CA THR B 19 10.30 14.11 -15.79
C THR B 19 11.67 14.34 -15.13
N LYS B 20 12.74 13.82 -15.75
CA LYS B 20 14.09 14.10 -15.23
C LYS B 20 14.35 15.62 -15.08
N GLN B 21 13.98 16.39 -16.11
CA GLN B 21 14.20 17.84 -16.09
C GLN B 21 13.47 18.49 -14.92
N ILE B 22 12.21 18.12 -14.73
CA ILE B 22 11.42 18.67 -13.62
C ILE B 22 12.05 18.32 -12.27
N LEU B 23 12.42 17.06 -12.13
CA LEU B 23 12.96 16.60 -10.84
C LEU B 23 14.34 17.20 -10.55
N GLU B 24 15.18 17.26 -11.59
CA GLU B 24 16.53 17.82 -11.42
C GLU B 24 16.48 19.31 -11.11
N PHE B 25 15.55 20.03 -11.74
CA PHE B 25 15.41 21.46 -11.48
C PHE B 25 14.98 21.71 -10.04
N GLU B 26 14.16 20.80 -9.50
CA GLU B 26 13.66 20.89 -8.14
C GLU B 26 14.82 20.59 -7.19
N GLY B 27 15.84 19.91 -7.68
CA GLY B 27 17.05 19.69 -6.90
C GLY B 27 17.36 18.23 -6.57
N TYR B 28 16.60 17.32 -7.16
CA TYR B 28 16.82 15.90 -6.96
C TYR B 28 17.94 15.37 -7.84
N GLU B 29 18.59 14.31 -7.37
CA GLU B 29 19.50 13.55 -8.20
C GLU B 29 18.67 12.44 -8.86
N VAL B 30 18.76 12.31 -10.19
CA VAL B 30 17.87 11.42 -10.93
C VAL B 30 18.57 10.40 -11.83
N GLU B 31 18.03 9.18 -11.87
CA GLU B 31 18.47 8.16 -12.85
C GLU B 31 17.24 7.74 -13.62
N ILE B 32 17.41 7.41 -14.89
CA ILE B 32 16.29 7.01 -15.70
C ILE B 32 16.52 5.60 -16.26
N ALA B 33 15.43 4.96 -16.63
CA ALA B 33 15.46 3.61 -17.16
C ALA B 33 14.30 3.42 -18.10
N ALA B 34 14.58 2.85 -19.28
CA ALA B 34 13.55 2.67 -20.29
C ALA B 34 12.97 1.26 -20.36
N THR B 35 13.44 0.37 -19.49
CA THR B 35 12.87 -0.95 -19.39
C THR B 35 12.89 -1.41 -17.92
N ALA B 36 12.06 -2.39 -17.62
CA ALA B 36 12.01 -2.96 -16.25
C ALA B 36 13.32 -3.63 -15.85
N GLY B 37 13.89 -4.43 -16.76
CA GLY B 37 15.21 -5.00 -16.49
C GLY B 37 16.28 -3.97 -16.19
N GLU B 38 16.27 -2.86 -16.93
CA GLU B 38 17.22 -1.80 -16.67
C GLU B 38 16.96 -1.18 -15.28
N GLY B 39 15.68 -0.92 -14.98
CA GLY B 39 15.33 -0.37 -13.66
C GLY B 39 15.81 -1.29 -12.53
N LEU B 40 15.53 -2.58 -12.69
N LEU B 40 15.52 -2.58 -12.68
CA LEU B 40 15.90 -3.55 -11.66
CA LEU B 40 15.91 -3.54 -11.64
C LEU B 40 17.41 -3.61 -11.44
C LEU B 40 17.41 -3.60 -11.44
N ALA B 41 18.17 -3.58 -12.54
CA ALA B 41 19.62 -3.62 -12.42
C ALA B 41 20.11 -2.40 -11.62
N LYS B 42 19.46 -1.25 -11.85
CA LYS B 42 19.88 -0.06 -11.13
C LYS B 42 19.52 -0.15 -9.64
N ILE B 43 18.34 -0.68 -9.35
CA ILE B 43 17.88 -0.79 -7.96
C ILE B 43 18.77 -1.75 -7.17
N GLU B 44 19.21 -2.81 -7.85
CA GLU B 44 20.13 -3.78 -7.21
C GLU B 44 21.47 -3.17 -6.87
N ASN B 45 21.94 -2.27 -7.72
CA ASN B 45 23.30 -1.78 -7.62
C ASN B 45 23.45 -0.37 -7.05
N GLU B 46 22.35 0.38 -7.01
CA GLU B 46 22.41 1.77 -6.60
C GLU B 46 21.32 2.09 -5.60
N PHE B 47 21.62 3.00 -4.70
CA PHE B 47 20.63 3.42 -3.72
C PHE B 47 19.67 4.46 -4.32
N PHE B 48 18.38 4.31 -4.02
CA PHE B 48 17.42 5.38 -4.37
C PHE B 48 16.46 5.59 -3.22
N ASN B 49 16.09 6.85 -3.00
CA ASN B 49 15.05 7.12 -2.01
C ASN B 49 13.68 6.72 -2.53
N LEU B 50 13.46 6.89 -3.83
CA LEU B 50 12.10 6.76 -4.32
C LEU B 50 12.19 6.40 -5.79
N ALA B 51 11.21 5.64 -6.26
CA ALA B 51 11.15 5.24 -7.68
C ALA B 51 9.77 5.53 -8.22
N LEU B 52 9.74 5.98 -9.46
CA LEU B 52 8.49 6.09 -10.20
C LEU B 52 8.45 4.98 -11.23
N PHE B 53 7.40 4.17 -11.22
CA PHE B 53 7.30 3.02 -12.12
C PHE B 53 6.09 3.13 -13.05
N PHD B 54 6.31 3.10 -14.36
CA PHD B 54 5.25 2.83 -15.34
C PHD B 54 4.81 1.41 -15.22
O PHD B 54 5.56 0.58 -14.73
CB PHD B 54 5.96 3.01 -16.68
CG PHD B 54 5.02 2.75 -17.81
OD1 PHD B 54 3.82 3.55 -17.84
OD2 PHD B 54 5.27 1.91 -18.67
P PHD B 54 2.48 3.10 -18.62
OP1 PHD B 54 2.95 2.68 -20.01
OP2 PHD B 54 1.86 2.05 -17.75
OP3 PHD B 54 1.66 4.38 -18.59
N ILE B 55 3.60 1.08 -15.66
CA ILE B 55 3.13 -0.30 -15.56
C ILE B 55 3.26 -1.08 -16.89
N LYS B 56 2.82 -0.50 -17.99
CA LYS B 56 2.90 -1.22 -19.27
C LYS B 56 4.29 -1.10 -19.87
N LEU B 57 5.26 -1.81 -19.30
CA LEU B 57 6.62 -1.77 -19.80
C LEU B 57 6.83 -2.90 -20.82
N PRO B 58 7.82 -2.72 -21.71
CA PRO B 58 8.01 -3.62 -22.87
C PRO B 58 8.37 -5.04 -22.48
N ASP B 59 9.23 -5.17 -21.48
CA ASP B 59 9.84 -6.46 -21.12
C ASP B 59 9.16 -7.18 -19.95
N MSE B 60 8.34 -6.46 -19.18
CA MSE B 60 7.62 -7.07 -18.06
C MSE B 60 6.69 -6.03 -17.46
O MSE B 60 6.91 -4.84 -17.63
CB MSE B 60 8.58 -7.64 -17.02
CG MSE B 60 9.09 -6.64 -16.00
SE MSE B 60 9.90 -7.47 -14.40
CE MSE B 60 11.44 -8.27 -15.29
N GLU B 61 5.63 -6.48 -16.81
CA GLU B 61 4.69 -5.55 -16.20
C GLU B 61 5.40 -4.77 -15.09
N GLY B 62 5.07 -3.49 -14.93
CA GLY B 62 5.67 -2.67 -13.87
C GLY B 62 5.29 -3.18 -12.48
N THR B 63 4.21 -3.95 -12.42
CA THR B 63 3.81 -4.58 -11.18
C THR B 63 4.81 -5.66 -10.75
N GLU B 64 5.35 -6.39 -11.71
CA GLU B 64 6.37 -7.40 -11.40
C GLU B 64 7.65 -6.69 -10.98
N LEU B 65 7.98 -5.62 -11.68
CA LEU B 65 9.09 -4.77 -11.30
C LEU B 65 8.94 -4.29 -9.84
N LEU B 66 7.76 -3.77 -9.50
CA LEU B 66 7.49 -3.30 -8.14
C LEU B 66 7.70 -4.42 -7.10
N GLU B 67 7.14 -5.59 -7.40
CA GLU B 67 7.20 -6.70 -6.46
C GLU B 67 8.65 -7.02 -6.11
N LYS B 68 9.48 -7.18 -7.14
CA LYS B 68 10.90 -7.42 -6.95
C LYS B 68 11.61 -6.27 -6.26
N ALA B 69 11.30 -5.02 -6.66
CA ALA B 69 11.98 -3.88 -6.10
C ALA B 69 11.68 -3.77 -4.61
N HIS B 70 10.45 -4.12 -4.23
CA HIS B 70 10.01 -3.98 -2.85
C HIS B 70 10.65 -5.06 -1.98
N LYS B 71 10.86 -6.24 -2.55
CA LYS B 71 11.62 -7.28 -1.85
C LYS B 71 13.06 -6.81 -1.63
N LEU B 72 13.70 -6.33 -2.70
CA LEU B 72 15.08 -5.83 -2.59
C LEU B 72 15.23 -4.65 -1.63
N ARG B 73 14.34 -3.66 -1.73
CA ARG B 73 14.48 -2.40 -1.01
CA ARG B 73 14.48 -2.40 -1.01
C ARG B 73 13.15 -1.96 -0.40
N PRO B 74 12.72 -2.63 0.67
CA PRO B 74 11.44 -2.34 1.33
C PRO B 74 11.30 -0.91 1.79
N GLY B 75 12.41 -0.27 2.17
CA GLY B 75 12.41 1.08 2.68
C GLY B 75 12.29 2.16 1.60
N MSE B 76 12.59 1.80 0.36
CA MSE B 76 12.47 2.76 -0.76
C MSE B 76 10.97 3.05 -0.99
O MSE B 76 10.13 2.16 -0.84
CB MSE B 76 13.11 2.16 -2.02
CG MSE B 76 12.96 3.03 -3.26
SE MSE B 76 13.93 2.22 -4.76
CE MSE B 76 12.67 0.85 -5.24
N LYS B 77 10.64 4.30 -1.35
CA LYS B 77 9.25 4.63 -1.67
C LYS B 77 9.01 4.33 -3.15
N LYS B 78 7.80 3.90 -3.48
CA LYS B 78 7.46 3.52 -4.86
C LYS B 78 6.12 4.12 -5.28
N ILE B 79 6.15 4.89 -6.38
CA ILE B 79 4.91 5.49 -6.86
C ILE B 79 4.67 4.93 -8.25
N MSE B 80 3.51 4.31 -8.46
CA MSE B 80 3.12 3.86 -9.82
C MSE B 80 2.60 5.05 -10.59
O MSE B 80 1.82 5.83 -10.07
CB MSE B 80 2.05 2.78 -9.80
CG MSE B 80 2.29 1.68 -8.73
SE MSE B 80 4.10 0.92 -8.86
CE MSE B 80 3.85 0.01 -10.61
N VAL B 81 3.04 5.20 -11.84
CA VAL B 81 2.53 6.29 -12.67
C VAL B 81 2.17 5.70 -14.01
N THR B 82 0.89 5.59 -14.30
CA THR B 82 0.46 4.79 -15.45
C THR B 82 -0.69 5.39 -16.23
N GLY B 83 -0.70 5.13 -17.54
CA GLY B 83 -1.85 5.48 -18.37
C GLY B 83 -2.72 4.26 -18.65
N TYR B 84 -2.41 3.14 -17.98
CA TYR B 84 -3.13 1.88 -18.18
C TYR B 84 -3.65 1.32 -16.86
N ALA B 85 -4.24 2.18 -16.04
CA ALA B 85 -4.75 1.74 -14.73
C ALA B 85 -5.82 0.66 -14.91
N SER B 86 -5.82 -0.34 -14.02
CA SER B 86 -6.92 -1.30 -13.96
C SER B 86 -7.19 -1.76 -12.53
N LEU B 87 -8.36 -2.33 -12.29
CA LEU B 87 -8.64 -2.88 -10.96
C LEU B 87 -7.55 -3.88 -10.58
N GLU B 88 -7.21 -4.76 -11.53
CA GLU B 88 -6.23 -5.82 -11.32
C GLU B 88 -4.84 -5.27 -10.96
N ASN B 89 -4.32 -4.33 -11.75
CA ASN B 89 -2.97 -3.86 -11.47
C ASN B 89 -2.88 -2.86 -10.30
N SER B 90 -4.00 -2.22 -9.96
CA SER B 90 -4.01 -1.34 -8.78
CA SER B 90 -4.07 -1.34 -8.78
C SER B 90 -4.06 -2.16 -7.50
N VAL B 91 -4.91 -3.17 -7.46
CA VAL B 91 -4.92 -4.07 -6.30
C VAL B 91 -3.55 -4.76 -6.14
N PHE B 92 -2.98 -5.22 -7.25
CA PHE B 92 -1.66 -5.85 -7.19
C PHE B 92 -0.62 -4.89 -6.66
N SER B 93 -0.60 -3.66 -7.19
CA SER B 93 0.35 -2.63 -6.74
C SER B 93 0.22 -2.38 -5.24
N LEU B 94 -1.03 -2.27 -4.75
CA LEU B 94 -1.25 -2.10 -3.31
C LEU B 94 -0.61 -3.26 -2.52
N ASN B 95 -0.92 -4.49 -2.91
CA ASN B 95 -0.40 -5.68 -2.20
C ASN B 95 1.12 -5.84 -2.29
N ALA B 96 1.67 -5.37 -3.40
CA ALA B 96 3.09 -5.54 -3.69
C ALA B 96 3.98 -4.46 -3.09
N GLY B 97 3.39 -3.45 -2.46
CA GLY B 97 4.17 -2.46 -1.70
C GLY B 97 4.19 -1.01 -2.21
N ALA B 98 3.41 -0.69 -3.23
CA ALA B 98 3.41 0.69 -3.78
C ALA B 98 2.97 1.66 -2.71
N ASP B 99 3.54 2.87 -2.68
CA ASP B 99 3.19 3.87 -1.68
C ASP B 99 2.18 4.88 -2.23
N ALA B 100 2.16 5.01 -3.55
CA ALA B 100 1.18 5.86 -4.20
C ALA B 100 0.95 5.40 -5.63
N TYR B 101 -0.12 5.90 -6.24
CA TYR B 101 -0.56 5.40 -7.53
C TYR B 101 -1.19 6.57 -8.25
N ILE B 102 -0.60 6.96 -9.37
CA ILE B 102 -1.00 8.16 -10.11
CA ILE B 102 -1.01 8.15 -10.11
C ILE B 102 -1.35 7.78 -11.53
N MSE B 103 -2.46 8.31 -12.04
CA MSE B 103 -2.85 8.05 -13.42
C MSE B 103 -2.39 9.21 -14.33
O MSE B 103 -2.55 10.38 -14.00
CB MSE B 103 -4.35 7.81 -13.52
CG MSE B 103 -4.82 6.73 -12.55
SE MSE B 103 -6.70 6.31 -12.75
CE MSE B 103 -6.81 4.88 -11.43
N LYS B 104 -1.78 8.86 -15.47
CA LYS B 104 -1.33 9.87 -16.44
C LYS B 104 -2.60 10.49 -17.08
N PRO B 105 -2.51 11.76 -17.52
CA PRO B 105 -1.30 12.58 -17.36
C PRO B 105 -1.21 13.21 -15.97
N VAL B 106 -0.01 13.38 -15.45
CA VAL B 106 0.09 14.00 -14.14
C VAL B 106 0.82 15.32 -14.33
N ASN B 107 0.37 16.38 -13.67
CA ASN B 107 1.07 17.64 -13.91
C ASN B 107 2.28 17.78 -13.01
N PRO B 108 3.20 18.65 -13.38
CA PRO B 108 4.47 18.68 -12.62
C PRO B 108 4.28 19.03 -11.13
N ARG B 109 3.43 20.01 -10.84
CA ARG B 109 3.26 20.37 -9.44
C ARG B 109 2.76 19.17 -8.62
N ASP B 110 1.78 18.45 -9.16
CA ASP B 110 1.18 17.32 -8.42
C ASP B 110 2.22 16.20 -8.20
N LEU B 111 2.96 15.91 -9.26
CA LEU B 111 4.01 14.91 -9.15
C LEU B 111 5.02 15.30 -8.05
N LEU B 112 5.50 16.55 -8.08
CA LEU B 112 6.47 16.96 -7.06
C LEU B 112 5.88 16.94 -5.65
N GLU B 113 4.61 17.32 -5.53
CA GLU B 113 3.99 17.32 -4.20
C GLU B 113 3.88 15.90 -3.64
N LYS B 114 3.49 14.95 -4.50
CA LYS B 114 3.36 13.55 -4.07
C LYS B 114 4.74 13.01 -3.70
N ILE B 115 5.74 13.33 -4.52
CA ILE B 115 7.10 12.88 -4.18
C ILE B 115 7.57 13.43 -2.83
N LYS B 116 7.39 14.73 -2.61
CA LYS B 116 7.84 15.35 -1.35
C LYS B 116 7.15 14.69 -0.16
N GLU B 117 5.86 14.42 -0.32
CA GLU B 117 5.08 13.82 0.75
C GLU B 117 5.67 12.47 1.09
N LYS B 118 5.97 11.65 0.08
CA LYS B 118 6.50 10.31 0.34
C LYS B 118 7.93 10.38 0.91
N LEU B 119 8.72 11.34 0.43
CA LEU B 119 10.06 11.48 0.97
C LEU B 119 10.03 11.96 2.43
N ASP B 120 9.09 12.84 2.75
CA ASP B 120 8.90 13.25 4.16
C ASP B 120 8.52 12.05 5.03
N GLU B 121 7.55 11.26 4.57
CA GLU B 121 7.14 10.07 5.30
C GLU B 121 8.33 9.14 5.50
N GLN B 122 9.18 8.98 4.48
CA GLN B 122 10.35 8.12 4.60
C GLN B 122 11.28 8.59 5.70
N GLU B 123 11.52 9.90 5.75
CA GLU B 123 12.36 10.45 6.80
C GLU B 123 11.78 10.21 8.19
N LYS B 124 10.48 10.43 8.35
CA LYS B 124 9.85 10.21 9.66
C LYS B 124 9.90 8.73 10.07
N GLU B 125 9.88 7.83 9.09
CA GLU B 125 9.97 6.40 9.38
C GLU B 125 11.37 5.99 9.82
N GLY B 126 12.35 6.81 9.45
CA GLY B 126 13.74 6.47 9.73
C GLY B 126 14.42 5.85 8.53
NA NA C . -20.93 -4.51 3.50
C1 GOL D . -0.85 -13.89 17.77
O1 GOL D . -1.23 -13.67 19.11
C2 GOL D . 0.07 -15.11 17.70
O2 GOL D . 1.15 -14.78 16.86
C3 GOL D . -0.71 -16.25 17.06
O3 GOL D . -0.09 -16.59 15.84
C1 GOL E . -7.25 -10.25 -4.60
O1 GOL E . -8.23 -10.74 -3.71
C2 GOL E . -5.90 -10.59 -4.00
O2 GOL E . -5.43 -9.44 -3.33
C3 GOL E . -6.12 -11.69 -2.96
O3 GOL E . -4.93 -11.90 -2.24
NA NA F . 4.76 2.01 -21.09
NA NA G . 1.36 1.02 0.65
NA NA H . 8.29 1.26 2.09
C1 GOL I . 15.72 18.98 -3.54
O1 GOL I . 14.44 19.56 -3.37
C2 GOL I . 15.88 17.85 -2.54
O2 GOL I . 15.31 18.25 -1.31
C3 GOL I . 17.35 17.54 -2.32
O3 GOL I . 17.69 16.36 -2.99
C1 GOL J . -1.89 8.88 4.38
O1 GOL J . -2.05 10.28 4.51
C2 GOL J . -0.56 8.58 3.73
O2 GOL J . -0.22 9.62 2.83
C3 GOL J . -0.66 7.27 2.95
O3 GOL J . 0.37 6.42 3.38
#